data_5EZU
#
_entry.id   5EZU
#
_cell.length_a   65.787
_cell.length_b   59.580
_cell.length_c   47.257
_cell.angle_alpha   90.000
_cell.angle_beta   117.700
_cell.angle_gamma   90.000
#
_symmetry.space_group_name_H-M   'C 1 2 1'
#
loop_
_entity.id
_entity.type
_entity.pdbx_description
1 polymer 'Protein A46'
2 non-polymer 'MYRISTIC ACID'
3 water water
#
_entity_poly.entity_id   1
_entity_poly.type   'polypeptide(L)'
_entity_poly.pdbx_seq_one_letter_code
;GSMAQQMAFDISVNASKTINALVYFSTQQNKLVIRNEVNDTHYTVEFDRDKVVDTFISYNRHNDTIEIRGVLPEETNIGC
AVNTPVSMT
;
_entity_poly.pdbx_strand_id   A,B
#
loop_
_chem_comp.id
_chem_comp.type
_chem_comp.name
_chem_comp.formula
MYR non-polymer 'MYRISTIC ACID' 'C14 H28 O2'
#
# COMPACT_ATOMS: atom_id res chain seq x y z
N MET A 7 -0.39 -17.02 3.16
CA MET A 7 0.40 -15.84 3.51
C MET A 7 -0.49 -14.62 3.75
N ALA A 8 -1.49 -14.76 4.61
CA ALA A 8 -2.34 -13.63 4.97
C ALA A 8 -1.61 -12.74 5.97
N PHE A 9 -1.93 -11.45 5.96
CA PHE A 9 -1.34 -10.53 6.92
C PHE A 9 -2.37 -9.52 7.38
N ASP A 10 -2.13 -8.96 8.56
CA ASP A 10 -2.98 -7.91 9.10
C ASP A 10 -2.15 -6.98 9.99
N ILE A 11 -2.01 -5.73 9.56
CA ILE A 11 -1.27 -4.74 10.34
C ILE A 11 -2.18 -3.58 10.69
N SER A 12 -1.85 -2.86 11.74
CA SER A 12 -2.64 -1.69 12.13
C SER A 12 -1.78 -0.66 12.86
N VAL A 13 -2.19 0.60 12.78
CA VAL A 13 -1.57 1.67 13.56
C VAL A 13 -2.69 2.52 14.10
N ASN A 14 -2.44 3.19 15.24
CA ASN A 14 -3.38 4.19 15.73
C ASN A 14 -3.59 5.22 14.64
N ALA A 15 -4.83 5.66 14.48
CA ALA A 15 -5.18 6.46 13.30
C ALA A 15 -4.58 7.87 13.32
N SER A 16 -3.83 8.21 14.36
CA SER A 16 -3.11 9.48 14.38
CA SER A 16 -3.11 9.48 14.39
C SER A 16 -1.79 9.37 13.62
N LYS A 17 -1.42 8.14 13.27
CA LYS A 17 -0.16 7.87 12.62
C LYS A 17 -0.33 7.48 11.16
N THR A 18 0.77 7.43 10.44
CA THR A 18 0.75 7.16 9.00
C THR A 18 1.47 5.86 8.69
N ILE A 19 0.92 5.05 7.78
CA ILE A 19 1.68 3.92 7.23
C ILE A 19 2.41 4.40 5.98
N ASN A 20 3.71 4.16 5.92
CA ASN A 20 4.52 4.68 4.82
C ASN A 20 5.11 3.51 4.05
N ALA A 21 4.63 3.28 2.83
CA ALA A 21 5.10 2.15 2.01
C ALA A 21 5.82 2.63 0.76
N LEU A 22 7.06 2.19 0.60
CA LEU A 22 7.86 2.52 -0.57
C LEU A 22 7.84 1.30 -1.48
N VAL A 23 7.53 1.52 -2.75
CA VAL A 23 7.32 0.44 -3.72
C VAL A 23 8.19 0.60 -4.95
N TYR A 24 8.86 -0.46 -5.39
CA TYR A 24 9.64 -0.41 -6.61
C TYR A 24 9.89 -1.80 -7.14
N PHE A 25 10.12 -1.92 -8.44
CA PHE A 25 10.56 -3.21 -8.97
C PHE A 25 12.05 -3.15 -9.20
N SER A 26 12.80 -4.02 -8.54
CA SER A 26 14.25 -4.05 -8.69
C SER A 26 14.64 -5.02 -9.79
N THR A 27 15.15 -4.48 -10.90
CA THR A 27 15.51 -5.30 -12.04
C THR A 27 16.65 -6.26 -11.67
N GLN A 28 17.55 -5.80 -10.80
CA GLN A 28 18.71 -6.63 -10.44
C GLN A 28 18.28 -7.82 -9.59
N GLN A 29 17.40 -7.61 -8.60
CA GLN A 29 16.93 -8.74 -7.81
C GLN A 29 15.88 -9.52 -8.56
N ASN A 30 15.30 -8.88 -9.58
CA ASN A 30 14.16 -9.44 -10.29
C ASN A 30 13.03 -9.70 -9.29
N LYS A 31 12.76 -8.70 -8.46
CA LYS A 31 11.73 -8.76 -7.44
C LYS A 31 11.00 -7.45 -7.29
N LEU A 32 9.72 -7.52 -7.00
CA LEU A 32 8.97 -6.36 -6.53
C LEU A 32 9.28 -6.20 -5.03
N VAL A 33 9.66 -5.00 -4.63
CA VAL A 33 10.05 -4.71 -3.27
C VAL A 33 9.13 -3.69 -2.65
N ILE A 34 8.65 -3.96 -1.44
CA ILE A 34 7.87 -3.00 -0.68
C ILE A 34 8.52 -2.81 0.68
N ARG A 35 8.91 -1.58 0.99
CA ARG A 35 9.50 -1.26 2.29
C ARG A 35 8.46 -0.43 3.03
N ASN A 36 7.98 -0.99 4.15
CA ASN A 36 6.89 -0.39 4.93
C ASN A 36 7.36 0.04 6.31
N GLU A 37 6.99 1.26 6.71
CA GLU A 37 7.20 1.72 8.06
C GLU A 37 5.86 1.78 8.75
N VAL A 38 5.74 1.03 9.84
CA VAL A 38 4.48 0.86 10.56
C VAL A 38 4.76 1.10 12.04
N ASN A 39 4.47 2.31 12.50
CA ASN A 39 4.85 2.75 13.85
C ASN A 39 6.37 2.64 14.03
N ASP A 40 6.80 1.86 15.01
CA ASP A 40 8.22 1.73 15.28
C ASP A 40 8.88 0.63 14.46
N THR A 41 8.16 0.09 13.49
CA THR A 41 8.56 -1.15 12.82
C THR A 41 8.75 -1.02 11.32
N HIS A 42 9.79 -1.67 10.81
CA HIS A 42 10.03 -1.71 9.37
CA HIS A 42 10.06 -1.70 9.38
C HIS A 42 9.84 -3.12 8.84
N TYR A 43 9.04 -3.26 7.80
CA TYR A 43 8.89 -4.54 7.11
C TYR A 43 9.46 -4.40 5.71
N THR A 44 10.37 -5.28 5.33
CA THR A 44 10.80 -5.35 3.93
C THR A 44 10.18 -6.58 3.30
N VAL A 45 9.38 -6.38 2.26
CA VAL A 45 8.66 -7.46 1.60
C VAL A 45 9.14 -7.59 0.15
N GLU A 46 9.52 -8.78 -0.29
CA GLU A 46 10.01 -8.99 -1.66
C GLU A 46 9.31 -10.17 -2.30
N PHE A 47 8.78 -9.98 -3.49
CA PHE A 47 8.19 -11.10 -4.23
C PHE A 47 8.38 -10.92 -5.73
N ASP A 48 7.96 -11.92 -6.49
CA ASP A 48 8.33 -12.04 -7.90
C ASP A 48 7.44 -11.24 -8.85
N ARG A 49 7.89 -11.12 -10.10
CA ARG A 49 7.10 -10.47 -11.14
C ARG A 49 5.79 -11.22 -11.35
N ASP A 50 4.77 -10.49 -11.79
CA ASP A 50 3.47 -11.06 -12.14
C ASP A 50 2.85 -11.82 -10.98
N LYS A 51 3.25 -11.45 -9.77
CA LYS A 51 2.55 -11.87 -8.57
C LYS A 51 1.97 -10.62 -7.93
N VAL A 52 0.80 -10.74 -7.31
CA VAL A 52 0.10 -9.57 -6.80
C VAL A 52 0.10 -9.58 -5.27
N VAL A 53 0.30 -8.41 -4.67
CA VAL A 53 -0.05 -8.24 -3.26
C VAL A 53 -1.41 -7.54 -3.26
N ASP A 54 -2.37 -8.18 -2.62
CA ASP A 54 -3.75 -7.70 -2.64
C ASP A 54 -4.10 -7.26 -1.25
N THR A 55 -4.38 -5.97 -1.07
CA THR A 55 -4.58 -5.44 0.27
C THR A 55 -5.91 -4.69 0.38
N PHE A 56 -6.37 -4.59 1.61
CA PHE A 56 -7.59 -3.89 1.95
C PHE A 56 -7.27 -2.91 3.05
N ILE A 57 -7.46 -1.64 2.76
CA ILE A 57 -7.11 -0.54 3.67
C ILE A 57 -8.40 0.03 4.21
N SER A 58 -8.51 0.08 5.54
CA SER A 58 -9.76 0.56 6.15
C SER A 58 -9.47 1.33 7.42
N TYR A 59 -10.47 2.09 7.87
CA TYR A 59 -10.45 2.72 9.18
C TYR A 59 -11.36 1.91 10.09
N ASN A 60 -10.81 1.46 11.21
CA ASN A 60 -11.55 0.69 12.20
C ASN A 60 -12.08 1.65 13.25
N ARG A 61 -13.36 1.98 13.16
CA ARG A 61 -13.97 2.90 14.11
C ARG A 61 -13.99 2.37 15.54
N HIS A 62 -13.98 1.06 15.70
CA HIS A 62 -14.06 0.51 17.03
C HIS A 62 -12.80 0.75 17.84
N ASN A 63 -11.64 0.71 17.19
CA ASN A 63 -10.35 0.80 17.88
CA ASN A 63 -10.43 0.91 18.01
C ASN A 63 -9.55 2.04 17.48
N ASP A 64 -10.15 2.88 16.62
CA ASP A 64 -9.49 4.10 16.11
C ASP A 64 -8.12 3.78 15.47
N THR A 65 -8.11 2.82 14.56
CA THR A 65 -6.88 2.40 13.88
C THR A 65 -7.05 2.42 12.38
N ILE A 66 -5.95 2.61 11.68
CA ILE A 66 -5.88 2.33 10.25
C ILE A 66 -5.44 0.90 10.10
N GLU A 67 -6.19 0.12 9.33
CA GLU A 67 -5.90 -1.32 9.20
C GLU A 67 -5.60 -1.67 7.74
N ILE A 68 -4.55 -2.46 7.55
CA ILE A 68 -4.29 -3.05 6.25
C ILE A 68 -4.26 -4.54 6.41
N ARG A 69 -5.16 -5.21 5.69
CA ARG A 69 -5.18 -6.66 5.70
C ARG A 69 -5.02 -7.13 4.27
N GLY A 70 -4.40 -8.28 4.06
CA GLY A 70 -4.30 -8.75 2.71
C GLY A 70 -3.60 -10.08 2.58
N VAL A 71 -3.24 -10.40 1.35
CA VAL A 71 -2.60 -11.66 1.03
C VAL A 71 -1.33 -11.41 0.24
N LEU A 72 -0.26 -12.10 0.62
CA LEU A 72 1.02 -12.05 -0.06
C LEU A 72 1.21 -13.27 -0.94
N PRO A 73 2.00 -13.16 -2.01
CA PRO A 73 2.31 -14.33 -2.81
C PRO A 73 2.99 -15.42 -1.99
N GLU A 74 2.88 -16.66 -2.44
CA GLU A 74 3.45 -17.81 -1.74
C GLU A 74 4.94 -17.66 -1.49
N GLU A 75 5.68 -17.23 -2.50
CA GLU A 75 7.13 -17.11 -2.41
C GLU A 75 7.51 -15.66 -2.12
N THR A 76 7.31 -15.25 -0.87
CA THR A 76 7.57 -13.90 -0.43
C THR A 76 8.67 -13.93 0.64
N ASN A 77 9.62 -12.99 0.57
CA ASN A 77 10.59 -12.83 1.67
C ASN A 77 10.18 -11.63 2.51
N ILE A 78 10.22 -11.78 3.83
CA ILE A 78 9.84 -10.70 4.74
C ILE A 78 10.95 -10.45 5.76
N GLY A 79 11.35 -9.20 5.88
CA GLY A 79 12.28 -8.79 6.91
C GLY A 79 11.58 -7.86 7.88
N CYS A 80 11.88 -8.00 9.16
CA CYS A 80 11.29 -7.14 10.16
CA CYS A 80 11.28 -7.15 10.19
C CYS A 80 12.38 -6.57 11.06
N ALA A 81 12.31 -5.27 11.30
CA ALA A 81 13.29 -4.61 12.16
C ALA A 81 12.57 -3.55 12.98
N VAL A 82 13.09 -3.24 14.16
CA VAL A 82 12.46 -2.24 15.01
C VAL A 82 13.42 -1.07 15.27
N MET B 7 5.72 14.40 -10.21
CA MET B 7 4.76 13.32 -10.46
C MET B 7 4.21 12.79 -9.14
N ALA B 8 2.92 12.98 -8.91
CA ALA B 8 2.33 12.53 -7.68
C ALA B 8 0.86 12.13 -7.88
N PHE B 9 0.33 11.32 -6.97
CA PHE B 9 -1.10 11.04 -6.98
C PHE B 9 -1.64 11.04 -5.56
N ASP B 10 -2.94 11.23 -5.45
CA ASP B 10 -3.57 11.26 -4.14
C ASP B 10 -4.99 10.73 -4.31
N ILE B 11 -5.39 9.90 -3.35
CA ILE B 11 -6.73 9.34 -3.28
C ILE B 11 -7.29 9.69 -1.92
N SER B 12 -8.55 10.05 -1.88
CA SER B 12 -9.24 10.31 -0.62
C SER B 12 -10.58 9.60 -0.71
N VAL B 13 -10.97 8.84 0.31
CA VAL B 13 -12.27 8.18 0.30
C VAL B 13 -12.92 8.37 1.66
N ASN B 14 -14.24 8.37 1.69
CA ASN B 14 -14.92 8.43 2.98
C ASN B 14 -14.52 7.22 3.81
N ALA B 15 -14.27 7.45 5.09
CA ALA B 15 -13.64 6.41 5.91
C ALA B 15 -14.57 5.25 6.26
N SER B 16 -15.82 5.31 5.83
CA SER B 16 -16.72 4.17 5.96
CA SER B 16 -16.70 4.16 5.98
C SER B 16 -16.43 3.17 4.86
N LYS B 17 -15.63 3.58 3.88
CA LYS B 17 -15.32 2.72 2.74
C LYS B 17 -13.97 2.06 2.86
N THR B 18 -13.81 0.95 2.15
CA THR B 18 -12.54 0.22 2.17
C THR B 18 -11.86 0.35 0.82
N ILE B 19 -10.56 0.66 0.81
CA ILE B 19 -9.79 0.74 -0.43
C ILE B 19 -9.12 -0.59 -0.68
N ASN B 20 -9.41 -1.22 -1.80
CA ASN B 20 -8.73 -2.43 -2.21
C ASN B 20 -7.54 -2.05 -3.10
N ALA B 21 -6.35 -2.09 -2.53
CA ALA B 21 -5.14 -1.72 -3.26
C ALA B 21 -4.37 -2.98 -3.65
N LEU B 22 -4.07 -3.07 -4.94
CA LEU B 22 -3.31 -4.16 -5.51
C LEU B 22 -2.03 -3.61 -6.09
N VAL B 23 -0.92 -4.29 -5.86
CA VAL B 23 0.36 -3.86 -6.39
C VAL B 23 1.01 -5.05 -7.06
N TYR B 24 1.46 -4.87 -8.30
CA TYR B 24 2.20 -5.91 -9.00
C TYR B 24 3.05 -5.30 -10.08
N PHE B 25 4.01 -6.07 -10.57
CA PHE B 25 4.75 -5.71 -11.76
C PHE B 25 4.32 -6.62 -12.88
N SER B 26 3.81 -6.04 -13.96
CA SER B 26 3.36 -6.82 -15.11
C SER B 26 4.48 -6.95 -16.14
N THR B 27 4.83 -8.18 -16.50
CA THR B 27 5.89 -8.42 -17.47
C THR B 27 5.45 -7.97 -18.87
N GLN B 28 4.20 -8.26 -19.20
CA GLN B 28 3.65 -7.95 -20.51
C GLN B 28 3.55 -6.45 -20.74
N GLN B 29 3.21 -5.70 -19.69
CA GLN B 29 3.10 -4.25 -19.81
C GLN B 29 4.44 -3.58 -19.54
N ASN B 30 5.34 -4.32 -18.89
CA ASN B 30 6.62 -3.78 -18.49
C ASN B 30 6.38 -2.60 -17.55
N LYS B 31 5.38 -2.73 -16.68
CA LYS B 31 4.99 -1.65 -15.78
C LYS B 31 4.75 -2.11 -14.34
N LEU B 32 5.16 -1.26 -13.40
CA LEU B 32 4.70 -1.36 -12.03
C LEU B 32 3.26 -0.88 -11.94
N VAL B 33 2.35 -1.68 -11.40
CA VAL B 33 0.95 -1.26 -11.36
C VAL B 33 0.46 -1.09 -9.92
N ILE B 34 -0.20 0.03 -9.65
CA ILE B 34 -0.89 0.20 -8.39
C ILE B 34 -2.35 0.47 -8.70
N ARG B 35 -3.21 -0.48 -8.37
CA ARG B 35 -4.62 -0.38 -8.66
C ARG B 35 -5.39 -0.23 -7.36
N ASN B 36 -6.28 0.76 -7.31
CA ASN B 36 -7.06 1.03 -6.12
C ASN B 36 -8.53 0.95 -6.52
N GLU B 37 -9.26 0.10 -5.82
CA GLU B 37 -10.67 -0.09 -6.10
C GLU B 37 -11.48 0.28 -4.88
N VAL B 38 -12.54 1.05 -5.11
CA VAL B 38 -13.45 1.50 -4.08
C VAL B 38 -14.82 1.21 -4.66
N ASN B 39 -15.44 0.12 -4.21
CA ASN B 39 -16.66 -0.38 -4.82
C ASN B 39 -16.50 -0.50 -6.34
N ASP B 40 -17.37 0.17 -7.09
CA ASP B 40 -17.38 0.04 -8.54
C ASP B 40 -16.50 1.10 -9.20
N THR B 41 -15.67 1.78 -8.41
CA THR B 41 -14.76 2.77 -8.99
C THR B 41 -13.35 2.23 -8.87
N HIS B 42 -12.55 2.38 -9.94
CA HIS B 42 -11.17 1.95 -9.92
C HIS B 42 -10.28 3.10 -10.36
N TYR B 43 -9.17 3.26 -9.65
N TYR B 43 -9.13 3.22 -9.70
CA TYR B 43 -8.13 4.22 -9.98
CA TYR B 43 -8.12 4.22 -10.04
C TYR B 43 -6.84 3.42 -10.12
C TYR B 43 -6.76 3.56 -10.09
N THR B 44 -6.18 3.51 -11.26
CA THR B 44 -4.91 2.82 -11.47
C THR B 44 -3.84 3.80 -11.90
N VAL B 45 -2.63 3.64 -11.35
CA VAL B 45 -1.48 4.37 -11.81
CA VAL B 45 -1.49 4.38 -11.82
C VAL B 45 -0.44 3.34 -12.21
N GLU B 46 0.32 3.65 -13.25
CA GLU B 46 1.32 2.74 -13.77
C GLU B 46 2.63 3.47 -13.94
N PHE B 47 3.72 2.78 -13.62
CA PHE B 47 5.07 3.33 -13.61
C PHE B 47 6.04 2.38 -14.30
N ASP B 48 7.16 2.93 -14.76
CA ASP B 48 8.20 2.13 -15.41
C ASP B 48 8.92 1.22 -14.41
N ARG B 49 9.55 0.18 -14.94
CA ARG B 49 10.15 -0.88 -14.14
C ARG B 49 11.16 -0.41 -13.09
N ASP B 50 11.75 0.77 -13.28
CA ASP B 50 12.70 1.24 -12.28
C ASP B 50 12.36 2.64 -11.79
N LYS B 51 11.16 2.79 -11.27
CA LYS B 51 10.75 4.02 -10.59
C LYS B 51 10.38 3.67 -9.15
N VAL B 52 10.70 4.55 -8.22
CA VAL B 52 10.36 4.37 -6.81
C VAL B 52 9.17 5.23 -6.44
N VAL B 53 8.13 4.60 -5.88
CA VAL B 53 6.91 5.30 -5.49
C VAL B 53 6.80 5.29 -3.96
N ASP B 54 6.83 6.45 -3.32
CA ASP B 54 6.74 6.52 -1.86
C ASP B 54 5.30 6.83 -1.50
N THR B 55 4.61 5.90 -0.83
CA THR B 55 3.20 6.11 -0.51
C THR B 55 2.94 6.29 0.98
N PHE B 56 1.91 7.06 1.30
CA PHE B 56 1.58 7.41 2.66
C PHE B 56 0.09 7.21 2.83
N ILE B 57 -0.27 6.37 3.80
CA ILE B 57 -1.65 6.03 4.09
C ILE B 57 -2.00 6.64 5.43
N SER B 58 -3.07 7.44 5.46
CA SER B 58 -3.39 8.15 6.68
C SER B 58 -4.89 8.31 6.84
N TYR B 59 -5.27 8.78 8.03
CA TYR B 59 -6.65 9.08 8.35
C TYR B 59 -6.77 10.56 8.70
N ASN B 60 -7.71 11.22 8.07
CA ASN B 60 -7.95 12.62 8.31
C ASN B 60 -9.16 12.72 9.23
N ARG B 61 -8.95 13.03 10.49
CA ARG B 61 -10.03 13.06 11.48
C ARG B 61 -11.08 14.14 11.18
N HIS B 62 -10.63 15.27 10.67
CA HIS B 62 -11.54 16.40 10.48
C HIS B 62 -12.59 16.12 9.41
N ASN B 63 -12.20 15.45 8.33
CA ASN B 63 -13.07 15.15 7.21
CA ASN B 63 -13.24 15.18 7.34
C ASN B 63 -13.56 13.69 7.20
N ASP B 64 -13.04 12.88 8.13
CA ASP B 64 -13.39 11.45 8.25
C ASP B 64 -13.13 10.72 6.94
N THR B 65 -11.90 10.85 6.47
CA THR B 65 -11.50 10.24 5.20
C THR B 65 -10.22 9.45 5.39
N ILE B 66 -10.07 8.39 4.59
CA ILE B 66 -8.81 7.68 4.43
C ILE B 66 -8.12 8.31 3.23
N GLU B 67 -6.83 8.58 3.37
CA GLU B 67 -6.06 9.17 2.29
C GLU B 67 -4.85 8.33 1.93
N ILE B 68 -4.56 8.27 0.64
CA ILE B 68 -3.34 7.65 0.16
C ILE B 68 -2.67 8.68 -0.73
N ARG B 69 -1.42 9.00 -0.43
N ARG B 69 -1.41 8.96 -0.46
CA ARG B 69 -0.67 9.94 -1.25
CA ARG B 69 -0.65 9.94 -1.21
C ARG B 69 0.57 9.22 -1.75
C ARG B 69 0.64 9.30 -1.72
N GLY B 70 0.91 9.41 -3.01
CA GLY B 70 2.08 8.77 -3.59
C GLY B 70 2.94 9.81 -4.26
N VAL B 71 4.25 9.71 -4.07
CA VAL B 71 5.15 10.66 -4.71
C VAL B 71 6.33 9.93 -5.30
N LEU B 72 6.99 10.54 -6.28
CA LEU B 72 8.22 9.99 -6.84
C LEU B 72 9.44 10.74 -6.30
N PRO B 73 10.08 10.19 -5.26
CA PRO B 73 11.20 10.87 -4.61
C PRO B 73 12.53 10.66 -5.35
C1 MYR C . 3.64 -9.41 9.57
O1 MYR C . 4.52 -10.00 10.23
O2 MYR C . 2.62 -8.99 10.17
C2 MYR C . 3.80 -9.20 8.08
C3 MYR C . 3.65 -7.72 7.76
C4 MYR C . 3.63 -7.48 6.26
C5 MYR C . 3.18 -6.05 5.95
C6 MYR C . 3.08 -5.86 4.44
C7 MYR C . 2.18 -4.68 4.08
C8 MYR C . 2.16 -4.46 2.58
C9 MYR C . 0.98 -3.59 2.17
C10 MYR C . 1.44 -2.38 1.37
C11 MYR C . 0.27 -1.59 0.82
C12 MYR C . 0.73 -0.64 -0.28
C13 MYR C . -0.37 0.35 -0.65
C14 MYR C . 0.14 1.38 -1.66
#